data_5YTC
#
_entry.id   5YTC
#
_cell.length_a   108.886
_cell.length_b   108.886
_cell.length_c   90.533
_cell.angle_alpha   90.00
_cell.angle_beta   90.00
_cell.angle_gamma   120.00
#
_symmetry.space_group_name_H-M   'P 31 2 1'
#
loop_
_entity.id
_entity.type
_entity.pdbx_description
1 polymer 'DNA polymerase I, thermostable'
2 polymer "DNA (5'-D(*GP*AP*CP*CP*AP*CP*GP*GP*CP*GP*CP*(DOC)P*(DOC))-3')"
3 polymer "DNA (5'-D(*AP*AP*AP*(92F)P*GP*GP*CP*GP*CP*CP*GP*TP*GP*GP*TP*C)-3')"
4 non-polymer "2'-DEOXYADENOSINE 5'-TRIPHOSPHATE"
5 non-polymer 'MAGNESIUM ION'
6 water water
#
loop_
_entity_poly.entity_id
_entity_poly.type
_entity_poly.pdbx_seq_one_letter_code
_entity_poly.pdbx_strand_id
1 'polypeptide(L)'
;LEEAPWPPPEGAFVGFVLSRKEPMWADLLALAAARGGRVHRAPEPYKALRDLKEARGLLAKDLSVLALREGLGLPPGDDP
MLLAYLLDPSNTTPEGVARRYGGEWTEEAGERAALSERLFANLWGRLEGEERLLWLYREVERPLSAVLAHMEATGVRLDV
AYLRALSLEVAEEIARLEAEVFRLAGHPFNLNSRDQLERVLFDELGLPAIGKTEKTGKRSTSAAVLEALREAHPIVEKIL
QYRELTKLKSTYIDPLPDLIHPRTGRLHTRFNQTATATGRLSSSDPNLQNIPVRTPLGQRIRRAFIAEEGWLLVALDYSQ
IELRVLAHLSGDENLIRVFQEGRDIHTETASWMFGVPREAVDPLMRRAAKTINFGVLYGMSAHRLSQELAIPYEEAQAFI
ERYFQSFPKVRAWIEKTLEEGRRRGYVETLFGRRRYVPDLEARVKSVREAAERMAFNMPVQGTAADLMKLAMVKLFPRLE
EMGARMLLQVHDELVLEAPKERAEAVARLAKEVMEGVYPLAVPLEVEVGIGEDWLSAKE
;
A
2 'polydeoxyribonucleotide' (DG)(DA)(DC)(DC)(DA)(DC)(DG)(DG)(DC)(DG)(DC)(DOC)(DOC) B
3 'polydeoxyribonucleotide' (DA)(DA)(DA)(92F)(DG)(DG)(DC)(DG)(DC)(DC)(DG)(DT)(DG)(DG)(DT)(DC) C
#
loop_
_chem_comp.id
_chem_comp.type
_chem_comp.name
_chem_comp.formula
92F DNA linking 7-amino-3-(2-deoxy-5-O-phosphono-beta-D-erythro-pentofuranosyl)-2-oxo-2,3-dihydropyrido[2,3-d]pyrimidine-6-carbonitrile 'C13 H14 N5 O7 P'
DA DNA linking 2'-DEOXYADENOSINE-5'-MONOPHOSPHATE 'C10 H14 N5 O6 P'
DC DNA linking 2'-DEOXYCYTIDINE-5'-MONOPHOSPHATE 'C9 H14 N3 O7 P'
DG DNA linking 2'-DEOXYGUANOSINE-5'-MONOPHOSPHATE 'C10 H14 N5 O7 P'
DOC DNA linking 2',3'-DIDEOXYCYTIDINE-5'-MONOPHOSPHATE 'C9 H14 N3 O6 P'
DT DNA linking THYMIDINE-5'-MONOPHOSPHATE 'C10 H15 N2 O8 P'
DTP non-polymer '2'-DEOXYADENOSINE 5'-TRIPHOSPHATE' 'C10 H16 N5 O12 P3'
MG non-polymer 'MAGNESIUM ION' 'Mg 2'
#
# COMPACT_ATOMS: atom_id res chain seq x y z
N LEU A 1 -18.89 24.63 -26.73
CA LEU A 1 -18.81 23.18 -27.12
C LEU A 1 -20.20 22.67 -27.55
N GLU A 2 -20.29 22.15 -28.79
CA GLU A 2 -21.58 21.70 -29.36
C GLU A 2 -22.18 20.55 -28.56
N GLU A 3 -23.49 20.64 -28.31
CA GLU A 3 -24.24 19.55 -27.70
C GLU A 3 -24.79 18.67 -28.81
N ALA A 4 -24.57 17.36 -28.69
CA ALA A 4 -25.05 16.39 -29.67
C ALA A 4 -25.82 15.29 -28.93
N PRO A 5 -26.79 14.63 -29.61
CA PRO A 5 -27.53 13.58 -28.91
C PRO A 5 -26.69 12.38 -28.52
N TRP A 6 -27.06 11.76 -27.40
CA TRP A 6 -26.39 10.56 -26.94
C TRP A 6 -26.64 9.30 -27.78
N PRO A 7 -25.67 8.97 -28.62
CA PRO A 7 -24.62 8.04 -28.24
C PRO A 7 -23.32 8.71 -28.75
N PRO A 8 -22.19 8.57 -28.02
CA PRO A 8 -20.96 9.08 -28.66
C PRO A 8 -20.41 8.07 -29.67
N PRO A 9 -19.51 8.52 -30.57
CA PRO A 9 -18.84 7.55 -31.45
C PRO A 9 -17.77 6.82 -30.66
N GLU A 10 -17.17 5.78 -31.22
CA GLU A 10 -16.12 5.04 -30.48
C GLU A 10 -14.92 5.95 -30.15
N GLY A 11 -14.30 5.70 -28.99
CA GLY A 11 -13.12 6.45 -28.57
C GLY A 11 -13.36 7.81 -27.91
N ALA A 12 -14.61 8.16 -27.65
CA ALA A 12 -14.95 9.41 -26.93
C ALA A 12 -14.46 9.35 -25.50
N PHE A 13 -14.20 10.52 -24.92
CA PHE A 13 -13.75 10.64 -23.53
C PHE A 13 -14.97 10.73 -22.62
N VAL A 14 -14.92 10.05 -21.49
CA VAL A 14 -16.08 9.93 -20.61
C VAL A 14 -15.91 10.87 -19.43
N GLY A 15 -17.02 11.45 -18.99
CA GLY A 15 -17.12 12.13 -17.72
C GLY A 15 -18.27 11.54 -16.94
N PHE A 16 -18.13 11.42 -15.63
CA PHE A 16 -19.20 10.84 -14.82
C PHE A 16 -19.22 11.42 -13.43
N VAL A 17 -20.41 11.45 -12.84
CA VAL A 17 -20.58 11.91 -11.48
C VAL A 17 -21.12 10.76 -10.64
N LEU A 18 -20.42 10.49 -9.55
CA LEU A 18 -20.85 9.50 -8.58
C LEU A 18 -21.40 10.20 -7.35
N SER A 19 -22.38 9.55 -6.70
CA SER A 19 -23.01 10.07 -5.49
C SER A 19 -22.03 10.11 -4.31
N ARG A 20 -21.04 9.23 -4.38
CA ARG A 20 -19.95 9.13 -3.41
C ARG A 20 -18.72 8.51 -4.08
N LYS A 21 -17.58 8.58 -3.41
CA LYS A 21 -16.28 8.29 -4.00
C LYS A 21 -16.04 6.81 -4.31
N GLU A 22 -16.63 5.93 -3.50
CA GLU A 22 -16.44 4.50 -3.62
C GLU A 22 -17.31 3.95 -4.78
N PRO A 23 -16.70 3.49 -5.89
CA PRO A 23 -17.52 3.06 -7.02
C PRO A 23 -18.42 1.80 -6.79
N MET A 24 -18.06 0.95 -5.83
CA MET A 24 -18.90 -0.23 -5.52
C MET A 24 -20.14 0.12 -4.75
N TRP A 25 -20.14 1.28 -4.11
CA TRP A 25 -21.27 1.77 -3.34
C TRP A 25 -22.02 2.92 -3.97
N ALA A 26 -21.47 3.49 -5.03
CA ALA A 26 -21.96 4.74 -5.54
C ALA A 26 -23.13 4.55 -6.49
N ASP A 27 -24.06 5.52 -6.46
CA ASP A 27 -25.06 5.70 -7.49
C ASP A 27 -24.45 6.55 -8.62
N LEU A 28 -24.59 6.11 -9.85
CA LEU A 28 -24.21 6.90 -11.04
C LEU A 28 -25.24 7.99 -11.38
N LEU A 29 -24.94 9.22 -10.98
CA LEU A 29 -25.84 10.37 -11.13
C LEU A 29 -25.88 10.93 -12.55
N ALA A 30 -24.72 10.99 -13.19
CA ALA A 30 -24.67 11.47 -14.58
C ALA A 30 -23.50 10.91 -15.34
N LEU A 31 -23.66 10.84 -16.65
CA LEU A 31 -22.68 10.30 -17.58
C LEU A 31 -22.70 11.14 -18.84
N ALA A 32 -21.51 11.45 -19.36
CA ALA A 32 -21.38 12.21 -20.58
C ALA A 32 -20.10 11.81 -21.29
N ALA A 33 -19.95 12.23 -22.54
CA ALA A 33 -18.76 11.95 -23.31
C ALA A 33 -18.41 13.03 -24.32
N ALA A 34 -17.15 13.05 -24.75
CA ALA A 34 -16.66 14.14 -25.60
C ALA A 34 -15.79 13.62 -26.76
N ARG A 35 -16.04 14.13 -27.96
CA ARG A 35 -15.14 13.89 -29.10
C ARG A 35 -15.46 14.81 -30.29
N GLY A 36 -14.42 15.19 -31.04
CA GLY A 36 -14.57 15.97 -32.28
C GLY A 36 -15.35 17.28 -32.19
N GLY A 37 -15.22 17.98 -31.05
CA GLY A 37 -15.94 19.23 -30.81
C GLY A 37 -17.41 19.07 -30.46
N ARG A 38 -17.79 17.89 -29.98
CA ARG A 38 -19.17 17.57 -29.58
C ARG A 38 -19.11 17.07 -28.14
N VAL A 39 -20.13 17.41 -27.35
CA VAL A 39 -20.36 16.83 -26.02
C VAL A 39 -21.70 16.08 -26.08
N HIS A 40 -21.73 14.89 -25.48
CA HIS A 40 -22.91 14.01 -25.50
C HIS A 40 -23.32 13.71 -24.07
N ARG A 41 -24.54 14.11 -23.68
CA ARG A 41 -25.05 13.95 -22.32
C ARG A 41 -26.13 12.88 -22.25
N ALA A 42 -25.96 11.91 -21.36
CA ALA A 42 -26.81 10.73 -21.31
C ALA A 42 -28.14 11.03 -20.61
N PRO A 43 -29.28 10.81 -21.29
CA PRO A 43 -30.59 10.95 -20.62
C PRO A 43 -30.74 10.15 -19.33
N GLU A 44 -30.36 8.86 -19.34
CA GLU A 44 -30.36 8.02 -18.16
C GLU A 44 -29.02 7.26 -18.08
N PRO A 45 -28.17 7.61 -17.11
CA PRO A 45 -26.78 7.15 -17.20
C PRO A 45 -26.55 5.64 -17.07
N TYR A 46 -27.31 4.95 -16.22
CA TYR A 46 -27.10 3.50 -16.08
C TYR A 46 -27.31 2.79 -17.41
N LYS A 47 -28.40 3.12 -18.10
CA LYS A 47 -28.67 2.55 -19.42
C LYS A 47 -27.64 3.01 -20.47
N ALA A 48 -27.28 4.29 -20.41
CA ALA A 48 -26.25 4.85 -21.28
C ALA A 48 -24.88 4.18 -21.15
N LEU A 49 -24.54 3.66 -19.97
CA LEU A 49 -23.34 2.81 -19.78
C LEU A 49 -23.17 1.66 -20.78
N ARG A 50 -24.27 1.07 -21.23
CA ARG A 50 -24.19 -0.07 -22.17
C ARG A 50 -23.58 0.30 -23.53
N ASP A 51 -23.67 1.58 -23.92
CA ASP A 51 -23.24 2.02 -25.26
C ASP A 51 -21.72 2.17 -25.39
N LEU A 52 -21.03 2.40 -24.29
CA LEU A 52 -19.57 2.56 -24.30
C LEU A 52 -18.81 1.24 -24.48
N LYS A 53 -17.71 1.28 -25.23
CA LYS A 53 -16.86 0.11 -25.43
C LYS A 53 -15.66 0.09 -24.47
N GLU A 54 -15.37 1.21 -23.84
CA GLU A 54 -14.30 1.33 -22.85
C GLU A 54 -14.40 2.66 -22.11
N ALA A 55 -13.90 2.68 -20.87
CA ALA A 55 -13.87 3.88 -20.07
C ALA A 55 -12.57 4.61 -20.36
N ARG A 56 -12.69 5.78 -20.99
CA ARG A 56 -11.56 6.55 -21.42
C ARG A 56 -11.69 7.96 -20.82
N GLY A 57 -10.82 8.29 -19.87
CA GLY A 57 -10.88 9.60 -19.20
C GLY A 57 -10.46 9.60 -17.75
N LEU A 58 -10.62 10.75 -17.10
CA LEU A 58 -10.26 10.93 -15.68
C LEU A 58 -10.98 9.93 -14.82
N LEU A 59 -10.24 9.25 -13.97
CA LEU A 59 -10.77 8.20 -13.10
C LEU A 59 -11.42 7.05 -13.86
N ALA A 60 -10.93 6.77 -15.08
CA ALA A 60 -11.49 5.68 -15.89
C ALA A 60 -11.80 4.42 -15.09
N LYS A 61 -10.89 4.01 -14.20
CA LYS A 61 -11.00 2.77 -13.45
C LYS A 61 -12.27 2.76 -12.58
N ASP A 62 -12.55 3.88 -11.91
CA ASP A 62 -13.69 3.95 -11.03
C ASP A 62 -14.98 3.66 -11.77
N LEU A 63 -15.14 4.24 -12.96
CA LEU A 63 -16.29 3.95 -13.80
C LEU A 63 -16.35 2.48 -14.22
N SER A 64 -15.19 1.92 -14.59
CA SER A 64 -15.08 0.51 -14.95
CA SER A 64 -15.10 0.51 -14.96
C SER A 64 -15.48 -0.44 -13.82
N VAL A 65 -15.06 -0.13 -12.61
CA VAL A 65 -15.49 -0.90 -11.43
C VAL A 65 -17.01 -0.85 -11.27
N LEU A 66 -17.62 0.32 -11.45
CA LEU A 66 -19.07 0.43 -11.32
C LEU A 66 -19.77 -0.32 -12.45
N ALA A 67 -19.20 -0.28 -13.66
CA ALA A 67 -19.74 -1.06 -14.77
C ALA A 67 -19.72 -2.57 -14.45
N LEU A 68 -18.58 -3.09 -13.99
CA LEU A 68 -18.46 -4.48 -13.56
C LEU A 68 -19.47 -4.87 -12.46
N ARG A 69 -19.69 -3.97 -11.49
CA ARG A 69 -20.73 -4.16 -10.48
C ARG A 69 -22.11 -4.47 -11.12
N GLU A 70 -22.40 -3.83 -12.25
CA GLU A 70 -23.64 -3.97 -13.00
C GLU A 70 -23.58 -5.04 -14.11
N GLY A 71 -22.57 -5.91 -14.08
CA GLY A 71 -22.46 -7.00 -15.04
C GLY A 71 -22.02 -6.64 -16.44
N LEU A 72 -21.38 -5.48 -16.62
CA LEU A 72 -20.87 -5.00 -17.91
C LEU A 72 -19.34 -4.97 -17.96
N GLY A 73 -18.76 -5.44 -19.07
CA GLY A 73 -17.31 -5.38 -19.29
C GLY A 73 -16.95 -4.11 -20.05
N LEU A 74 -16.71 -3.05 -19.30
CA LEU A 74 -16.31 -1.76 -19.84
C LEU A 74 -14.90 -1.50 -19.27
N PRO A 75 -13.87 -1.98 -19.98
CA PRO A 75 -12.51 -1.88 -19.42
C PRO A 75 -11.99 -0.46 -19.48
N PRO A 76 -11.23 -0.04 -18.44
CA PRO A 76 -10.64 1.29 -18.49
C PRO A 76 -9.52 1.39 -19.54
N GLY A 77 -9.40 2.55 -20.16
CA GLY A 77 -8.37 2.82 -21.16
C GLY A 77 -7.54 4.01 -20.73
N ASP A 78 -7.34 4.97 -21.64
CA ASP A 78 -6.55 6.15 -21.31
C ASP A 78 -7.12 6.93 -20.13
N ASP A 79 -6.25 7.35 -19.21
CA ASP A 79 -6.65 8.21 -18.09
C ASP A 79 -5.55 9.28 -17.91
N PRO A 80 -5.90 10.55 -18.14
CA PRO A 80 -4.93 11.64 -17.92
C PRO A 80 -4.31 11.65 -16.51
N MET A 81 -5.01 11.16 -15.50
CA MET A 81 -4.44 10.99 -14.14
C MET A 81 -3.18 10.13 -14.13
N LEU A 82 -3.14 9.10 -14.98
CA LEU A 82 -2.00 8.22 -15.06
C LEU A 82 -0.84 8.87 -15.76
N LEU A 83 -1.12 9.69 -16.77
CA LEU A 83 -0.07 10.39 -17.49
C LEU A 83 0.55 11.45 -16.58
N ALA A 84 -0.28 12.27 -15.95
CA ALA A 84 0.17 13.29 -14.99
C ALA A 84 0.94 12.72 -13.80
N TYR A 85 0.51 11.54 -13.32
CA TYR A 85 1.17 10.87 -12.18
C TYR A 85 2.55 10.34 -12.54
N LEU A 86 2.70 9.84 -13.76
CA LEU A 86 4.02 9.43 -14.26
C LEU A 86 4.98 10.62 -14.45
N LEU A 87 4.47 11.73 -14.96
CA LEU A 87 5.26 12.97 -15.06
C LEU A 87 5.73 13.45 -13.69
N ASP A 88 4.84 13.40 -12.70
CA ASP A 88 5.13 13.92 -11.36
C ASP A 88 4.17 13.26 -10.38
N PRO A 89 4.66 12.35 -9.53
CA PRO A 89 3.75 11.59 -8.68
C PRO A 89 3.09 12.38 -7.54
N SER A 90 3.37 13.69 -7.44
CA SER A 90 2.57 14.57 -6.59
C SER A 90 1.27 14.97 -7.30
N ASN A 91 1.13 14.65 -8.59
CA ASN A 91 -0.15 14.69 -9.29
C ASN A 91 -1.01 13.51 -8.89
N THR A 92 -1.80 13.70 -7.83
CA THR A 92 -2.58 12.63 -7.21
C THR A 92 -4.10 12.82 -7.20
N THR A 93 -4.59 14.04 -7.40
CA THR A 93 -6.02 14.34 -7.44
C THR A 93 -6.35 15.03 -8.78
N PRO A 94 -7.59 14.88 -9.25
CA PRO A 94 -8.03 15.59 -10.44
C PRO A 94 -8.22 17.10 -10.28
N GLU A 95 -8.46 17.58 -9.05
CA GLU A 95 -8.51 19.03 -8.79
C GLU A 95 -7.14 19.60 -9.22
N GLY A 96 -6.09 19.07 -8.59
CA GLY A 96 -4.71 19.47 -8.85
C GLY A 96 -4.33 19.39 -10.31
N VAL A 97 -4.70 18.30 -10.96
CA VAL A 97 -4.24 17.98 -12.32
C VAL A 97 -4.90 18.89 -13.35
N ALA A 98 -6.19 19.13 -13.20
CA ALA A 98 -6.94 20.03 -14.10
C ALA A 98 -6.35 21.44 -14.10
N ARG A 99 -6.14 21.96 -12.89
CA ARG A 99 -5.58 23.29 -12.73
C ARG A 99 -4.17 23.38 -13.31
N ARG A 100 -3.36 22.35 -13.05
CA ARG A 100 -2.01 22.31 -13.60
C ARG A 100 -1.99 22.15 -15.12
N TYR A 101 -2.93 21.44 -15.71
CA TYR A 101 -2.80 21.06 -17.13
C TYR A 101 -3.85 21.57 -18.12
N GLY A 102 -4.83 22.35 -17.65
CA GLY A 102 -5.67 23.16 -18.55
C GLY A 102 -7.17 23.14 -18.34
N GLY A 103 -7.62 23.21 -17.09
CA GLY A 103 -9.06 23.33 -16.79
C GLY A 103 -9.43 23.30 -15.33
N GLU A 104 -10.71 23.07 -15.07
CA GLU A 104 -11.24 23.01 -13.70
C GLU A 104 -12.06 21.73 -13.58
N TRP A 105 -11.82 20.98 -12.51
CA TRP A 105 -12.62 19.81 -12.15
C TRP A 105 -13.92 20.29 -11.50
N THR A 106 -15.03 20.20 -12.23
CA THR A 106 -16.38 20.59 -11.76
C THR A 106 -17.15 19.35 -11.29
N GLU A 107 -18.43 19.51 -10.95
CA GLU A 107 -19.33 18.41 -10.55
C GLU A 107 -20.38 18.14 -11.66
N GLU A 108 -20.00 18.38 -12.90
CA GLU A 108 -20.89 18.23 -14.06
C GLU A 108 -20.17 17.28 -15.03
N ALA A 109 -20.90 16.29 -15.52
CA ALA A 109 -20.31 15.18 -16.25
C ALA A 109 -19.82 15.60 -17.64
N GLY A 110 -20.60 16.45 -18.31
CA GLY A 110 -20.25 17.00 -19.62
C GLY A 110 -18.95 17.76 -19.60
N GLU A 111 -18.81 18.65 -18.61
CA GLU A 111 -17.59 19.43 -18.41
C GLU A 111 -16.42 18.51 -18.06
N ARG A 112 -16.68 17.53 -17.18
CA ARG A 112 -15.69 16.50 -16.85
C ARG A 112 -15.22 15.69 -18.05
N ALA A 113 -16.11 15.42 -19.00
CA ALA A 113 -15.75 14.74 -20.24
C ALA A 113 -14.89 15.64 -21.14
N ALA A 114 -15.27 16.91 -21.25
CA ALA A 114 -14.50 17.89 -22.02
C ALA A 114 -13.14 18.11 -21.37
N LEU A 115 -13.13 18.10 -20.04
CA LEU A 115 -11.91 18.25 -19.30
C LEU A 115 -10.95 17.09 -19.56
N SER A 116 -11.47 15.86 -19.56
CA SER A 116 -10.69 14.67 -19.89
C SER A 116 -10.05 14.77 -21.28
N GLU A 117 -10.82 15.19 -22.26
CA GLU A 117 -10.35 15.27 -23.65
C GLU A 117 -9.15 16.21 -23.77
N ARG A 118 -9.29 17.42 -23.23
CA ARG A 118 -8.27 18.45 -23.41
C ARG A 118 -7.09 18.24 -22.47
N LEU A 119 -7.32 17.65 -21.31
CA LEU A 119 -6.21 17.22 -20.45
C LEU A 119 -5.38 16.11 -21.06
N PHE A 120 -6.02 15.21 -21.80
CA PHE A 120 -5.28 14.14 -22.46
C PHE A 120 -4.43 14.69 -23.58
N ALA A 121 -5.01 15.61 -24.38
CA ALA A 121 -4.27 16.30 -25.43
C ALA A 121 -3.00 16.93 -24.85
N ASN A 122 -3.18 17.78 -23.85
CA ASN A 122 -2.04 18.46 -23.25
C ASN A 122 -1.06 17.47 -22.61
N LEU A 123 -1.53 16.58 -21.76
CA LEU A 123 -0.61 15.62 -21.10
C LEU A 123 0.10 14.63 -22.04
N TRP A 124 -0.57 14.17 -23.07
CA TRP A 124 0.07 13.34 -24.10
C TRP A 124 1.20 14.08 -24.81
N GLY A 125 1.05 15.40 -24.99
CA GLY A 125 2.13 16.23 -25.54
C GLY A 125 3.32 16.38 -24.62
N ARG A 126 3.07 16.57 -23.31
CA ARG A 126 4.14 16.64 -22.30
C ARG A 126 4.99 15.35 -22.26
N LEU A 127 4.39 14.21 -22.57
CA LEU A 127 5.10 12.90 -22.59
C LEU A 127 5.67 12.51 -23.95
N GLU A 128 5.70 13.47 -24.89
CA GLU A 128 6.35 13.27 -26.18
C GLU A 128 7.85 13.24 -25.92
N GLY A 129 8.49 12.17 -26.38
CA GLY A 129 9.95 12.03 -26.21
C GLY A 129 10.36 11.55 -24.83
N GLU A 130 9.41 11.29 -23.94
CA GLU A 130 9.72 10.75 -22.62
C GLU A 130 9.51 9.25 -22.72
N GLU A 131 10.43 8.61 -23.43
CA GLU A 131 10.30 7.23 -23.88
C GLU A 131 10.05 6.24 -22.76
N ARG A 132 10.71 6.42 -21.62
CA ARG A 132 10.64 5.45 -20.53
C ARG A 132 9.38 5.60 -19.71
N LEU A 133 8.88 6.83 -19.59
CA LEU A 133 7.59 7.07 -18.97
C LEU A 133 6.45 6.55 -19.83
N LEU A 134 6.60 6.69 -21.16
CA LEU A 134 5.64 6.15 -22.11
C LEU A 134 5.59 4.64 -22.05
N TRP A 135 6.73 4.00 -21.85
CA TRP A 135 6.78 2.55 -21.67
C TRP A 135 6.03 2.16 -20.40
N LEU A 136 6.33 2.82 -19.29
CA LEU A 136 5.60 2.59 -18.04
C LEU A 136 4.10 2.78 -18.20
N TYR A 137 3.66 3.78 -18.96
CA TYR A 137 2.23 4.02 -19.19
C TYR A 137 1.59 2.89 -19.99
N ARG A 138 2.19 2.53 -21.12
CA ARG A 138 1.67 1.49 -22.00
C ARG A 138 1.78 0.06 -21.48
N GLU A 139 2.87 -0.23 -20.78
CA GLU A 139 3.17 -1.58 -20.32
C GLU A 139 2.84 -1.83 -18.85
N VAL A 140 2.68 -0.79 -18.04
CA VAL A 140 2.36 -1.02 -16.63
C VAL A 140 1.06 -0.35 -16.24
N GLU A 141 1.04 0.99 -16.22
CA GLU A 141 -0.08 1.69 -15.58
C GLU A 141 -1.42 1.51 -16.27
N ARG A 142 -1.47 1.74 -17.59
CA ARG A 142 -2.72 1.64 -18.32
C ARG A 142 -3.32 0.22 -18.25
N PRO A 143 -2.55 -0.82 -18.64
CA PRO A 143 -3.04 -2.18 -18.43
C PRO A 143 -3.34 -2.52 -16.97
N LEU A 144 -2.56 -2.02 -16.01
CA LEU A 144 -2.80 -2.34 -14.60
C LEU A 144 -4.14 -1.82 -14.14
N SER A 145 -4.59 -0.67 -14.65
CA SER A 145 -5.91 -0.13 -14.24
C SER A 145 -7.06 -1.12 -14.44
N ALA A 146 -7.05 -1.82 -15.56
CA ALA A 146 -7.96 -2.97 -15.83
C ALA A 146 -7.91 -4.08 -14.77
N VAL A 147 -6.70 -4.46 -14.38
CA VAL A 147 -6.50 -5.55 -13.43
C VAL A 147 -7.10 -5.13 -12.11
N LEU A 148 -6.77 -3.92 -11.68
CA LEU A 148 -7.26 -3.41 -10.41
C LEU A 148 -8.78 -3.25 -10.39
N ALA A 149 -9.37 -2.87 -11.53
CA ALA A 149 -10.82 -2.79 -11.62
C ALA A 149 -11.47 -4.14 -11.32
N HIS A 150 -10.91 -5.21 -11.88
CA HIS A 150 -11.37 -6.59 -11.58
CA HIS A 150 -11.41 -6.56 -11.58
C HIS A 150 -11.20 -6.92 -10.13
N MET A 151 -10.04 -6.57 -9.57
CA MET A 151 -9.79 -6.81 -8.13
C MET A 151 -10.81 -6.10 -7.25
N GLU A 152 -10.96 -4.81 -7.46
CA GLU A 152 -11.97 -4.02 -6.78
C GLU A 152 -13.37 -4.63 -6.86
N ALA A 153 -13.80 -5.02 -8.07
CA ALA A 153 -15.18 -5.50 -8.25
C ALA A 153 -15.40 -6.90 -7.73
N THR A 154 -14.33 -7.68 -7.59
CA THR A 154 -14.44 -9.05 -7.07
C THR A 154 -14.53 -9.14 -5.56
N GLY A 155 -13.77 -8.33 -4.84
CA GLY A 155 -13.77 -8.34 -3.40
C GLY A 155 -13.22 -9.63 -2.80
N VAL A 156 -13.30 -9.73 -1.48
CA VAL A 156 -12.79 -10.89 -0.74
C VAL A 156 -13.87 -11.28 0.22
N ARG A 157 -13.99 -12.57 0.48
CA ARG A 157 -14.97 -13.05 1.45
C ARG A 157 -14.46 -12.92 2.88
N LEU A 158 -15.37 -12.58 3.78
CA LEU A 158 -15.05 -12.28 5.17
C LEU A 158 -15.96 -13.08 6.10
N ASP A 159 -15.39 -13.76 7.10
CA ASP A 159 -16.21 -14.49 8.07
C ASP A 159 -16.83 -13.51 9.08
N VAL A 160 -18.00 -13.02 8.72
CA VAL A 160 -18.75 -11.99 9.46
C VAL A 160 -19.21 -12.42 10.86
N ALA A 161 -19.83 -13.58 11.00
CA ALA A 161 -20.34 -14.03 12.30
C ALA A 161 -19.18 -14.21 13.28
N TYR A 162 -18.06 -14.71 12.75
CA TYR A 162 -16.81 -14.87 13.50
C TYR A 162 -16.31 -13.53 14.07
N LEU A 163 -16.30 -12.49 13.24
CA LEU A 163 -15.92 -11.14 13.71
C LEU A 163 -16.87 -10.52 14.72
N ARG A 164 -18.18 -10.77 14.54
CA ARG A 164 -19.18 -10.32 15.51
C ARG A 164 -18.99 -10.99 16.86
N ALA A 165 -18.76 -12.30 16.87
CA ALA A 165 -18.45 -12.99 18.11
C ALA A 165 -17.14 -12.45 18.72
N LEU A 166 -16.13 -12.22 17.88
CA LEU A 166 -14.84 -11.76 18.36
C LEU A 166 -14.99 -10.40 19.07
N SER A 167 -15.76 -9.52 18.45
CA SER A 167 -16.15 -8.23 19.04
C SER A 167 -16.64 -8.31 20.51
N LEU A 168 -17.53 -9.24 20.83
CA LEU A 168 -18.11 -9.33 22.19
C LEU A 168 -17.09 -9.80 23.23
N GLU A 169 -16.21 -10.68 22.78
CA GLU A 169 -15.08 -11.20 23.56
C GLU A 169 -14.02 -10.13 23.84
N VAL A 170 -13.64 -9.37 22.82
CA VAL A 170 -12.65 -8.29 22.99
C VAL A 170 -13.23 -7.12 23.85
N ALA A 171 -14.52 -6.82 23.70
CA ALA A 171 -15.22 -5.87 24.55
C ALA A 171 -15.09 -6.19 26.03
N GLU A 172 -15.17 -7.48 26.38
CA GLU A 172 -15.03 -7.86 27.80
C GLU A 172 -13.58 -7.72 28.28
N GLU A 173 -12.60 -8.06 27.45
CA GLU A 173 -11.18 -7.90 27.84
C GLU A 173 -10.79 -6.42 27.97
N ILE A 174 -11.30 -5.59 27.05
CA ILE A 174 -11.10 -4.13 27.14
C ILE A 174 -11.68 -3.58 28.44
N ALA A 175 -12.87 -4.03 28.82
CA ALA A 175 -13.54 -3.59 30.04
C ALA A 175 -12.69 -3.89 31.27
N ARG A 176 -12.13 -5.10 31.31
CA ARG A 176 -11.19 -5.52 32.36
C ARG A 176 -9.96 -4.60 32.48
N LEU A 177 -9.36 -4.28 31.35
CA LEU A 177 -8.18 -3.41 31.30
C LEU A 177 -8.49 -1.99 31.72
N GLU A 178 -9.60 -1.42 31.25
CA GLU A 178 -9.91 -0.03 31.57
C GLU A 178 -10.26 0.15 33.05
N ALA A 179 -10.91 -0.85 33.64
CA ALA A 179 -11.20 -0.84 35.07
C ALA A 179 -9.93 -0.90 35.92
N GLU A 180 -8.92 -1.63 35.47
CA GLU A 180 -7.67 -1.71 36.22
C GLU A 180 -6.85 -0.43 36.04
N VAL A 181 -6.85 0.14 34.84
CA VAL A 181 -6.22 1.44 34.63
C VAL A 181 -6.85 2.53 35.50
N PHE A 182 -8.19 2.56 35.56
CA PHE A 182 -8.89 3.61 36.32
C PHE A 182 -8.63 3.52 37.82
N ARG A 183 -8.49 2.29 38.30
CA ARG A 183 -8.12 2.06 39.69
C ARG A 183 -6.74 2.64 39.97
N LEU A 184 -5.77 2.25 39.14
CA LEU A 184 -4.38 2.71 39.31
C LEU A 184 -4.23 4.21 39.16
N ALA A 185 -5.02 4.81 38.26
CA ALA A 185 -5.06 6.26 38.14
C ALA A 185 -5.63 6.97 39.36
N GLY A 186 -6.42 6.24 40.16
CA GLY A 186 -7.10 6.78 41.33
C GLY A 186 -8.43 7.43 40.96
N HIS A 187 -8.75 7.41 39.67
CA HIS A 187 -9.98 8.01 39.15
C HIS A 187 -10.25 7.53 37.71
N PRO A 188 -11.52 7.51 37.30
CA PRO A 188 -11.81 7.32 35.88
C PRO A 188 -11.54 8.56 35.02
N PHE A 189 -11.03 8.32 33.82
CA PHE A 189 -10.88 9.34 32.78
C PHE A 189 -11.15 8.70 31.41
N ASN A 190 -11.12 9.50 30.34
CA ASN A 190 -11.22 8.94 28.98
C ASN A 190 -9.84 8.49 28.52
N LEU A 191 -9.68 7.18 28.47
CA LEU A 191 -8.41 6.52 28.20
C LEU A 191 -8.03 6.61 26.71
N ASN A 192 -9.02 6.83 25.86
CA ASN A 192 -8.80 7.13 24.46
C ASN A 192 -8.34 8.56 24.20
N SER A 193 -8.41 9.44 25.20
CA SER A 193 -7.89 10.78 25.04
C SER A 193 -6.44 10.84 25.50
N ARG A 194 -5.52 10.96 24.55
CA ARG A 194 -4.10 11.05 24.87
C ARG A 194 -3.73 12.28 25.70
N ASP A 195 -4.54 13.35 25.63
CA ASP A 195 -4.36 14.54 26.48
C ASP A 195 -4.69 14.24 27.93
N GLN A 196 -5.81 13.57 28.16
CA GLN A 196 -6.17 13.18 29.51
C GLN A 196 -5.11 12.22 30.04
N LEU A 197 -4.72 11.24 29.23
CA LEU A 197 -3.66 10.29 29.60
C LEU A 197 -2.31 10.93 29.96
N GLU A 198 -1.94 11.98 29.22
CA GLU A 198 -0.71 12.74 29.47
C GLU A 198 -0.66 13.29 30.90
N ARG A 199 -1.74 13.98 31.27
CA ARG A 199 -1.89 14.51 32.62
C ARG A 199 -1.89 13.41 33.69
N VAL A 200 -2.65 12.34 33.47
CA VAL A 200 -2.65 11.24 34.43
C VAL A 200 -1.24 10.68 34.63
N LEU A 201 -0.54 10.37 33.54
CA LEU A 201 0.76 9.69 33.63
C LEU A 201 1.86 10.58 34.20
N PHE A 202 1.94 11.82 33.71
CA PHE A 202 3.09 12.69 33.97
C PHE A 202 2.87 13.75 35.06
N ASP A 203 1.62 14.10 35.38
CA ASP A 203 1.36 15.08 36.44
C ASP A 203 0.88 14.37 37.69
N GLU A 204 -0.21 13.62 37.57
CA GLU A 204 -0.85 13.00 38.72
C GLU A 204 -0.03 11.85 39.28
N LEU A 205 0.28 10.87 38.44
CA LEU A 205 1.37 9.95 38.76
C LEU A 205 2.66 10.71 38.45
N GLY A 206 3.80 10.22 38.90
CA GLY A 206 5.01 11.03 38.84
C GLY A 206 5.98 10.64 37.77
N LEU A 207 5.49 10.00 36.72
CA LEU A 207 6.35 9.26 35.79
C LEU A 207 7.14 10.19 34.90
N PRO A 208 8.36 9.79 34.51
CA PRO A 208 9.18 10.71 33.74
C PRO A 208 8.69 10.76 32.29
N ALA A 209 8.58 11.95 31.73
CA ALA A 209 8.27 12.12 30.31
C ALA A 209 9.54 11.86 29.52
N ILE A 210 9.47 11.03 28.49
CA ILE A 210 10.64 10.75 27.68
C ILE A 210 10.70 11.80 26.57
N GLY A 211 9.68 11.84 25.73
CA GLY A 211 9.68 12.66 24.51
C GLY A 211 8.46 13.50 24.26
N LYS A 212 8.52 14.29 23.19
CA LYS A 212 7.51 15.29 22.88
C LYS A 212 6.91 14.99 21.53
N THR A 213 5.67 15.41 21.34
CA THR A 213 5.00 15.28 20.05
C THR A 213 5.48 16.37 19.10
N GLU A 214 5.38 16.05 17.82
CA GLU A 214 6.05 16.79 16.76
C GLU A 214 5.48 18.19 16.57
N LYS A 215 4.16 18.29 16.43
CA LYS A 215 3.52 19.56 16.01
C LYS A 215 3.19 20.52 17.12
N THR A 216 2.69 20.01 18.24
CA THR A 216 2.20 20.82 19.36
C THR A 216 3.07 20.77 20.63
N GLY A 217 4.11 19.93 20.63
CA GLY A 217 5.05 19.86 21.76
C GLY A 217 4.46 19.34 23.07
N LYS A 218 3.43 18.52 22.99
CA LYS A 218 2.87 17.88 24.19
C LYS A 218 3.79 16.70 24.60
N ARG A 219 3.64 16.23 25.83
CA ARG A 219 4.40 15.06 26.30
C ARG A 219 3.81 13.80 25.71
N SER A 220 4.65 13.01 25.03
CA SER A 220 4.19 11.88 24.22
C SER A 220 3.72 10.70 25.08
N THR A 221 2.68 10.02 24.60
CA THR A 221 2.14 8.82 25.24
C THR A 221 2.22 7.64 24.30
N SER A 222 3.12 7.69 23.33
CA SER A 222 3.24 6.65 22.30
C SER A 222 3.81 5.35 22.84
N ALA A 223 3.67 4.27 22.08
CA ALA A 223 4.19 2.95 22.48
C ALA A 223 5.68 2.99 22.83
N ALA A 224 6.47 3.68 22.01
CA ALA A 224 7.91 3.77 22.21
C ALA A 224 8.23 4.41 23.56
N VAL A 225 7.51 5.47 23.92
CA VAL A 225 7.59 6.08 25.25
C VAL A 225 7.18 5.07 26.33
N LEU A 226 6.02 4.45 26.13
CA LEU A 226 5.44 3.58 27.15
C LEU A 226 6.27 2.32 27.41
N GLU A 227 6.93 1.79 26.37
CA GLU A 227 7.83 0.64 26.50
C GLU A 227 9.02 0.91 27.43
N ALA A 228 9.55 2.13 27.36
CA ALA A 228 10.61 2.58 28.26
C ALA A 228 10.11 2.83 29.69
N LEU A 229 8.79 2.95 29.87
CA LEU A 229 8.14 3.05 31.18
C LEU A 229 7.50 1.71 31.66
N ARG A 230 7.87 0.59 31.05
CA ARG A 230 7.16 -0.69 31.29
C ARG A 230 7.18 -1.28 32.72
N GLU A 231 8.14 -0.87 33.56
CA GLU A 231 8.18 -1.28 34.98
C GLU A 231 8.27 -0.10 35.98
N ALA A 232 8.13 1.13 35.48
CA ALA A 232 8.14 2.34 36.32
C ALA A 232 6.78 2.57 36.98
N HIS A 233 5.75 1.88 36.48
CA HIS A 233 4.44 1.79 37.12
C HIS A 233 3.67 0.63 36.48
N PRO A 234 2.84 -0.10 37.27
CA PRO A 234 2.05 -1.21 36.67
C PRO A 234 0.97 -0.80 35.64
N ILE A 235 0.52 0.44 35.70
CA ILE A 235 -0.50 1.02 34.80
C ILE A 235 -0.09 1.04 33.33
N VAL A 236 1.21 1.12 33.05
CA VAL A 236 1.70 1.34 31.68
C VAL A 236 1.46 0.11 30.83
N GLU A 237 1.78 -1.05 31.36
CA GLU A 237 1.45 -2.36 30.77
C GLU A 237 -0.03 -2.50 30.39
N LYS A 238 -0.92 -2.09 31.30
CA LYS A 238 -2.37 -2.17 31.07
C LYS A 238 -2.78 -1.24 29.94
N ILE A 239 -2.16 -0.07 29.89
CA ILE A 239 -2.40 0.92 28.85
C ILE A 239 -1.94 0.39 27.48
N LEU A 240 -0.77 -0.25 27.44
CA LEU A 240 -0.27 -0.86 26.21
C LEU A 240 -1.21 -1.98 25.72
N GLN A 241 -1.69 -2.79 26.65
CA GLN A 241 -2.65 -3.84 26.31
C GLN A 241 -3.97 -3.23 25.83
N TYR A 242 -4.45 -2.21 26.52
CA TYR A 242 -5.70 -1.53 26.13
C TYR A 242 -5.61 -0.89 24.74
N ARG A 243 -4.46 -0.30 24.43
CA ARG A 243 -4.20 0.29 23.13
C ARG A 243 -4.27 -0.73 22.01
N GLU A 244 -3.62 -1.87 22.22
CA GLU A 244 -3.61 -2.98 21.27
C GLU A 244 -5.04 -3.38 20.93
N LEU A 245 -5.80 -3.70 21.96
CA LEU A 245 -7.18 -4.16 21.81
C LEU A 245 -8.12 -3.14 21.17
N THR A 246 -8.10 -1.89 21.63
CA THR A 246 -9.04 -0.89 21.11
C THR A 246 -8.73 -0.46 19.67
N LYS A 247 -7.44 -0.42 19.32
CA LYS A 247 -7.00 -0.18 17.95
C LYS A 247 -7.63 -1.24 17.00
N LEU A 248 -7.37 -2.52 17.30
CA LEU A 248 -7.88 -3.64 16.52
C LEU A 248 -9.40 -3.69 16.46
N LYS A 249 -10.04 -3.39 17.57
CA LYS A 249 -11.49 -3.38 17.62
C LYS A 249 -12.09 -2.25 16.81
N SER A 250 -11.64 -1.03 17.05
CA SER A 250 -12.18 0.17 16.40
C SER A 250 -11.89 0.26 14.90
N THR A 251 -10.80 -0.37 14.45
CA THR A 251 -10.33 -0.22 13.06
C THR A 251 -10.69 -1.45 12.20
N TYR A 252 -10.74 -2.65 12.78
CA TYR A 252 -10.89 -3.86 12.01
C TYR A 252 -12.14 -4.64 12.42
N ILE A 253 -12.18 -5.10 13.67
CA ILE A 253 -13.21 -6.04 14.09
C ILE A 253 -14.62 -5.47 13.90
N ASP A 254 -14.83 -4.22 14.33
CA ASP A 254 -16.17 -3.61 14.30
C ASP A 254 -16.59 -3.07 12.93
N PRO A 255 -15.70 -2.32 12.23
CA PRO A 255 -16.12 -1.73 10.95
C PRO A 255 -16.28 -2.70 9.75
N LEU A 256 -15.40 -3.70 9.67
CA LEU A 256 -15.34 -4.56 8.48
C LEU A 256 -16.61 -5.36 8.20
N PRO A 257 -17.19 -6.02 9.23
CA PRO A 257 -18.49 -6.70 8.99
C PRO A 257 -19.61 -5.82 8.43
N ASP A 258 -19.68 -4.55 8.81
CA ASP A 258 -20.71 -3.64 8.26
C ASP A 258 -20.46 -3.14 6.83
N LEU A 259 -19.34 -3.56 6.22
CA LEU A 259 -18.97 -3.15 4.87
C LEU A 259 -19.19 -4.25 3.82
N ILE A 260 -19.91 -5.33 4.16
CA ILE A 260 -20.22 -6.38 3.19
C ILE A 260 -21.22 -5.83 2.20
N HIS A 261 -20.97 -6.07 0.92
CA HIS A 261 -21.79 -5.53 -0.13
C HIS A 261 -23.02 -6.43 -0.27
N PRO A 262 -24.24 -5.84 -0.39
CA PRO A 262 -25.49 -6.66 -0.43
C PRO A 262 -25.67 -7.57 -1.68
N ARG A 263 -25.05 -7.17 -2.78
CA ARG A 263 -25.14 -7.89 -4.05
CA ARG A 263 -25.12 -7.91 -4.05
C ARG A 263 -24.09 -9.00 -4.13
N THR A 264 -22.87 -8.71 -3.69
CA THR A 264 -21.74 -9.65 -3.85
C THR A 264 -21.55 -10.59 -2.64
N GLY A 265 -22.01 -10.17 -1.48
CA GLY A 265 -21.67 -10.84 -0.22
C GLY A 265 -20.19 -10.74 0.15
N ARG A 266 -19.47 -9.81 -0.46
CA ARG A 266 -18.02 -9.67 -0.25
C ARG A 266 -17.64 -8.23 0.13
N LEU A 267 -16.38 -8.08 0.52
CA LEU A 267 -15.84 -6.83 1.05
C LEU A 267 -14.97 -6.23 -0.02
N HIS A 268 -15.21 -4.96 -0.38
CA HIS A 268 -14.56 -4.37 -1.53
C HIS A 268 -13.72 -3.15 -1.16
N THR A 269 -12.43 -3.22 -1.50
CA THR A 269 -11.51 -2.12 -1.32
C THR A 269 -11.37 -1.35 -2.61
N ARG A 270 -10.74 -0.19 -2.52
CA ARG A 270 -10.25 0.55 -3.67
C ARG A 270 -8.74 0.49 -3.72
N PHE A 271 -8.18 0.27 -4.91
CA PHE A 271 -6.76 0.27 -5.12
C PHE A 271 -6.37 1.52 -5.86
N ASN A 272 -5.76 2.44 -5.14
CA ASN A 272 -5.50 3.78 -5.64
C ASN A 272 -4.21 3.76 -6.41
N GLN A 273 -4.29 4.19 -7.67
CA GLN A 273 -3.18 4.07 -8.61
C GLN A 273 -2.31 5.31 -8.69
N THR A 274 -2.84 6.47 -8.32
CA THR A 274 -2.05 7.70 -8.32
C THR A 274 -2.04 8.34 -6.93
N ALA A 275 -1.60 7.60 -5.92
CA ALA A 275 -1.66 8.08 -4.51
C ALA A 275 -0.33 8.17 -3.77
N THR A 276 0.72 7.48 -4.23
CA THR A 276 2.02 7.52 -3.54
C THR A 276 3.12 8.23 -4.32
N ALA A 277 4.11 8.69 -3.58
CA ALA A 277 5.26 9.39 -4.14
C ALA A 277 6.28 8.44 -4.77
N THR A 278 6.19 7.14 -4.48
CA THR A 278 7.17 6.17 -4.95
C THR A 278 6.69 5.28 -6.10
N GLY A 279 5.39 5.24 -6.35
CA GLY A 279 4.82 4.35 -7.36
C GLY A 279 4.18 3.09 -6.79
N ARG A 280 4.15 2.94 -5.48
CA ARG A 280 3.31 1.91 -4.84
C ARG A 280 1.84 2.21 -5.02
N LEU A 281 1.02 1.18 -4.92
CA LEU A 281 -0.42 1.36 -4.81
C LEU A 281 -0.76 1.74 -3.39
N SER A 282 -1.96 2.26 -3.19
CA SER A 282 -2.55 2.27 -1.85
C SER A 282 -3.92 1.66 -1.92
N SER A 283 -4.49 1.42 -0.75
CA SER A 283 -5.77 0.79 -0.63
C SER A 283 -6.55 1.57 0.41
N SER A 284 -7.82 1.82 0.12
CA SER A 284 -8.68 2.54 1.04
C SER A 284 -10.14 2.16 0.88
N ASP A 285 -10.91 2.50 1.91
CA ASP A 285 -12.35 2.45 1.92
C ASP A 285 -12.95 1.06 1.99
N PRO A 286 -12.17 0.12 2.49
CA PRO A 286 -11.49 0.00 3.75
C PRO A 286 -10.05 -0.26 3.26
N ASN A 287 -9.03 0.16 4.01
CA ASN A 287 -7.64 -0.20 3.69
C ASN A 287 -7.50 -1.70 3.95
N LEU A 288 -7.16 -2.48 2.92
CA LEU A 288 -6.92 -3.91 3.11
C LEU A 288 -5.44 -4.29 3.04
N GLN A 289 -4.57 -3.28 2.95
CA GLN A 289 -3.12 -3.50 2.95
C GLN A 289 -2.50 -3.37 4.35
N ASN A 290 -3.31 -3.15 5.37
CA ASN A 290 -2.81 -3.09 6.77
C ASN A 290 -3.63 -3.93 7.76
N ILE A 291 -4.24 -4.99 7.25
CA ILE A 291 -4.96 -5.92 8.05
C ILE A 291 -3.92 -6.51 8.96
N PRO A 292 -4.27 -6.61 10.29
CA PRO A 292 -3.21 -7.09 11.18
C PRO A 292 -2.77 -8.55 11.07
N VAL A 293 -1.59 -8.76 11.56
CA VAL A 293 -0.96 -10.04 11.49
C VAL A 293 0.11 -10.44 12.52
N ARG A 294 0.72 -9.50 13.20
CA ARG A 294 1.82 -9.69 14.14
C ARG A 294 1.37 -10.33 15.45
N THR A 295 0.39 -9.75 16.14
CA THR A 295 0.00 -10.23 17.47
C THR A 295 -1.02 -11.40 17.36
N PRO A 296 -1.25 -12.14 18.46
CA PRO A 296 -2.26 -13.20 18.42
C PRO A 296 -3.68 -12.73 18.09
N LEU A 297 -4.13 -11.60 18.62
CA LEU A 297 -5.44 -11.08 18.25
C LEU A 297 -5.43 -10.60 16.80
N GLY A 298 -4.31 -10.01 16.38
CA GLY A 298 -4.13 -9.67 14.98
C GLY A 298 -4.31 -10.89 14.08
N GLN A 299 -3.73 -12.01 14.48
CA GLN A 299 -3.84 -13.23 13.70
C GLN A 299 -5.28 -13.71 13.64
N ARG A 300 -5.98 -13.68 14.77
CA ARG A 300 -7.40 -14.00 14.81
C ARG A 300 -8.21 -13.24 13.79
N ILE A 301 -7.89 -11.96 13.58
CA ILE A 301 -8.62 -11.11 12.63
C ILE A 301 -8.34 -11.50 11.19
N ARG A 302 -7.06 -11.78 10.92
CA ARG A 302 -6.65 -12.21 9.60
C ARG A 302 -7.31 -13.53 9.13
N ARG A 303 -7.56 -14.47 10.06
CA ARG A 303 -8.32 -15.70 9.78
C ARG A 303 -9.75 -15.46 9.28
N ALA A 304 -10.31 -14.29 9.54
CA ALA A 304 -11.62 -13.92 9.02
C ALA A 304 -11.68 -13.72 7.49
N PHE A 305 -10.54 -13.53 6.84
CA PHE A 305 -10.52 -13.39 5.38
C PHE A 305 -10.41 -14.80 4.81
N ILE A 306 -11.49 -15.26 4.18
CA ILE A 306 -11.63 -16.67 3.77
C ILE A 306 -11.91 -16.84 2.26
N ALA A 307 -11.54 -17.99 1.75
CA ALA A 307 -11.89 -18.40 0.38
C ALA A 307 -13.39 -18.64 0.25
N GLU A 308 -13.94 -18.42 -0.95
CA GLU A 308 -15.32 -18.81 -1.27
C GLU A 308 -15.44 -20.32 -1.14
N GLU A 309 -16.65 -20.79 -0.85
CA GLU A 309 -16.95 -22.22 -0.77
C GLU A 309 -16.49 -22.95 -2.04
N GLY A 310 -15.62 -23.94 -1.90
CA GLY A 310 -15.05 -24.64 -3.06
C GLY A 310 -13.84 -24.01 -3.72
N TRP A 311 -13.28 -22.98 -3.09
CA TRP A 311 -12.09 -22.30 -3.59
C TRP A 311 -11.05 -22.35 -2.50
N LEU A 312 -9.81 -22.04 -2.86
CA LEU A 312 -8.75 -21.75 -1.89
C LEU A 312 -8.07 -20.40 -2.17
N LEU A 313 -7.55 -19.81 -1.10
CA LEU A 313 -6.70 -18.63 -1.19
C LEU A 313 -5.29 -19.06 -1.45
N VAL A 314 -4.62 -18.31 -2.32
CA VAL A 314 -3.25 -18.57 -2.68
C VAL A 314 -2.53 -17.26 -2.39
N ALA A 315 -1.56 -17.31 -1.48
CA ALA A 315 -0.80 -16.13 -1.07
C ALA A 315 0.66 -16.29 -1.51
N LEU A 316 1.12 -15.29 -2.25
CA LEU A 316 2.46 -15.25 -2.78
C LEU A 316 3.16 -13.98 -2.33
N ASP A 317 4.32 -14.13 -1.71
CA ASP A 317 5.04 -13.04 -1.08
C ASP A 317 6.48 -13.05 -1.56
N TYR A 318 6.94 -11.96 -2.17
CA TYR A 318 8.34 -11.83 -2.52
C TYR A 318 9.23 -11.79 -1.28
N SER A 319 10.34 -12.48 -1.39
CA SER A 319 11.29 -12.59 -0.32
C SER A 319 12.36 -11.50 -0.45
N GLN A 320 12.43 -10.62 0.54
CA GLN A 320 13.52 -9.62 0.67
C GLN A 320 13.64 -8.79 -0.58
N ILE A 321 12.50 -8.34 -1.07
CA ILE A 321 12.42 -7.75 -2.42
C ILE A 321 13.30 -6.51 -2.54
N GLU A 322 13.17 -5.56 -1.60
CA GLU A 322 13.94 -4.31 -1.68
C GLU A 322 15.43 -4.54 -1.55
N LEU A 323 15.84 -5.50 -0.73
CA LEU A 323 17.23 -5.84 -0.59
C LEU A 323 17.82 -6.40 -1.90
N ARG A 324 17.04 -7.20 -2.63
CA ARG A 324 17.46 -7.77 -3.92
C ARG A 324 17.52 -6.70 -5.00
N VAL A 325 16.53 -5.81 -5.00
CA VAL A 325 16.56 -4.59 -5.82
C VAL A 325 17.82 -3.72 -5.59
N LEU A 326 18.25 -3.60 -4.34
CA LEU A 326 19.41 -2.79 -3.99
C LEU A 326 20.68 -3.39 -4.56
N ALA A 327 20.82 -4.70 -4.38
CA ALA A 327 21.93 -5.45 -4.98
C ALA A 327 22.02 -5.17 -6.49
N HIS A 328 20.89 -5.25 -7.19
CA HIS A 328 20.81 -4.89 -8.61
C HIS A 328 21.14 -3.43 -8.92
N LEU A 329 20.50 -2.49 -8.23
CA LEU A 329 20.65 -1.06 -8.54
C LEU A 329 22.07 -0.56 -8.29
N SER A 330 22.72 -1.13 -7.28
CA SER A 330 24.05 -0.70 -6.88
C SER A 330 25.15 -1.52 -7.57
N GLY A 331 24.95 -2.83 -7.66
CA GLY A 331 25.95 -3.74 -8.22
C GLY A 331 26.95 -4.23 -7.19
N ASP A 332 26.58 -4.19 -5.91
CA ASP A 332 27.49 -4.65 -4.88
C ASP A 332 27.68 -6.15 -4.97
N GLU A 333 28.92 -6.58 -5.19
CA GLU A 333 29.22 -7.96 -5.51
C GLU A 333 28.93 -8.89 -4.32
N ASN A 334 29.37 -8.50 -3.13
CA ASN A 334 29.15 -9.29 -1.91
C ASN A 334 27.66 -9.42 -1.56
N LEU A 335 26.87 -8.40 -1.89
CA LEU A 335 25.42 -8.49 -1.75
C LEU A 335 24.80 -9.37 -2.84
N ILE A 336 25.30 -9.24 -4.07
CA ILE A 336 24.87 -10.11 -5.16
C ILE A 336 25.16 -11.60 -4.87
N ARG A 337 26.37 -11.92 -4.39
CA ARG A 337 26.70 -13.33 -4.07
C ARG A 337 25.89 -13.92 -2.91
N VAL A 338 25.39 -13.08 -2.01
CA VAL A 338 24.53 -13.56 -0.93
C VAL A 338 23.22 -14.08 -1.52
N PHE A 339 22.67 -13.37 -2.50
CA PHE A 339 21.46 -13.81 -3.18
C PHE A 339 21.74 -14.91 -4.22
N GLN A 340 22.84 -14.81 -4.99
CA GLN A 340 23.17 -15.87 -5.95
C GLN A 340 23.31 -17.23 -5.26
N GLU A 341 24.00 -17.26 -4.12
CA GLU A 341 24.12 -18.47 -3.31
C GLU A 341 22.80 -18.91 -2.70
N GLY A 342 22.13 -18.01 -1.97
CA GLY A 342 20.81 -18.28 -1.37
C GLY A 342 20.71 -18.22 0.14
N ARG A 343 21.29 -17.17 0.76
CA ARG A 343 21.22 -16.97 2.22
C ARG A 343 20.01 -16.12 2.63
N ASP A 344 19.76 -16.05 3.95
CA ASP A 344 18.69 -15.22 4.52
C ASP A 344 19.34 -14.17 5.43
N ILE A 345 18.81 -12.95 5.36
CA ILE A 345 19.37 -11.78 6.07
C ILE A 345 18.46 -11.32 7.25
N HIS A 346 17.15 -11.43 7.06
CA HIS A 346 16.19 -11.27 8.17
C HIS A 346 16.39 -12.29 9.27
N THR A 347 16.71 -13.53 8.90
CA THR A 347 16.88 -14.60 9.87
C THR A 347 18.29 -14.51 10.47
N GLU A 348 19.29 -14.20 9.66
CA GLU A 348 20.66 -13.88 10.14
C GLU A 348 20.69 -12.84 11.27
N THR A 349 19.94 -11.75 11.08
CA THR A 349 19.80 -10.67 12.07
C THR A 349 19.07 -11.20 13.32
N ALA A 350 17.90 -11.82 13.14
CA ALA A 350 17.06 -12.30 14.26
C ALA A 350 17.82 -13.21 15.23
N SER A 351 18.51 -14.21 14.68
CA SER A 351 19.33 -15.15 15.48
C SER A 351 20.52 -14.54 16.24
N TRP A 352 20.97 -13.37 15.78
CA TRP A 352 22.04 -12.61 16.46
C TRP A 352 21.46 -11.56 17.45
N MET A 353 20.31 -10.97 17.11
CA MET A 353 19.53 -10.12 18.04
C MET A 353 19.11 -10.91 19.28
N PHE A 354 18.34 -11.99 19.04
CA PHE A 354 17.76 -12.82 20.10
C PHE A 354 18.78 -13.79 20.69
N GLY A 355 19.90 -14.00 19.98
CA GLY A 355 21.00 -14.83 20.48
C GLY A 355 20.64 -16.31 20.54
N VAL A 356 20.01 -16.79 19.47
CA VAL A 356 19.56 -18.19 19.37
C VAL A 356 20.03 -18.78 18.02
N PRO A 357 20.20 -20.13 17.94
CA PRO A 357 20.41 -20.77 16.62
C PRO A 357 19.34 -20.45 15.57
N ARG A 358 19.65 -20.71 14.30
CA ARG A 358 18.77 -20.32 13.18
C ARG A 358 17.53 -21.19 13.06
N GLU A 359 17.72 -22.50 13.23
CA GLU A 359 16.61 -23.46 13.47
C GLU A 359 15.61 -23.01 14.56
N ALA A 360 16.10 -22.31 15.59
CA ALA A 360 15.25 -21.71 16.65
C ALA A 360 14.57 -20.37 16.29
N VAL A 361 14.75 -19.87 15.07
CA VAL A 361 14.03 -18.67 14.58
C VAL A 361 12.62 -19.10 14.12
N ASP A 362 11.70 -18.13 14.18
CA ASP A 362 10.29 -18.33 13.83
C ASP A 362 9.77 -17.04 13.14
N PRO A 363 8.51 -17.04 12.66
CA PRO A 363 7.89 -15.82 12.09
C PRO A 363 8.00 -14.50 12.89
N LEU A 364 7.63 -14.52 14.17
CA LEU A 364 7.64 -13.30 15.02
C LEU A 364 9.05 -12.77 15.34
N MET A 365 10.03 -13.66 15.38
CA MET A 365 11.43 -13.26 15.54
C MET A 365 11.97 -12.54 14.28
N ARG A 366 11.50 -12.97 13.10
CA ARG A 366 11.76 -12.25 11.83
C ARG A 366 11.05 -10.89 11.72
N ARG A 367 9.91 -10.74 12.38
CA ARG A 367 9.20 -9.43 12.44
C ARG A 367 10.08 -8.34 13.06
N ALA A 368 10.72 -8.70 14.19
CA ALA A 368 11.66 -7.82 14.88
C ALA A 368 12.80 -7.42 13.94
N ALA A 369 13.36 -8.42 13.26
CA ALA A 369 14.51 -8.25 12.37
C ALA A 369 14.26 -7.42 11.10
N LYS A 370 12.99 -7.18 10.75
CA LYS A 370 12.64 -6.31 9.61
C LYS A 370 12.72 -4.81 9.94
N THR A 371 12.39 -4.43 11.17
CA THR A 371 12.65 -3.05 11.59
C THR A 371 14.16 -2.76 11.57
N ILE A 372 14.98 -3.76 11.91
CA ILE A 372 16.43 -3.56 12.08
C ILE A 372 17.14 -3.37 10.75
N ASN A 373 16.96 -4.30 9.82
CA ASN A 373 17.70 -4.27 8.56
C ASN A 373 17.20 -3.16 7.59
N PHE A 374 15.88 -3.01 7.46
CA PHE A 374 15.34 -1.85 6.72
C PHE A 374 15.64 -0.55 7.46
N GLY A 375 15.15 -0.41 8.70
CA GLY A 375 15.47 0.75 9.54
C GLY A 375 16.91 1.22 9.41
N VAL A 376 17.85 0.34 9.74
CA VAL A 376 19.28 0.68 9.66
C VAL A 376 19.66 1.16 8.26
N LEU A 377 19.14 0.50 7.22
CA LEU A 377 19.52 0.80 5.82
C LEU A 377 19.20 2.22 5.42
N TYR A 378 17.95 2.63 5.66
CA TYR A 378 17.45 3.95 5.24
C TYR A 378 17.69 5.08 6.23
N GLY A 379 18.88 5.11 6.86
CA GLY A 379 19.33 6.25 7.65
C GLY A 379 18.84 6.34 9.09
N MET A 380 18.63 5.19 9.74
CA MET A 380 18.25 5.22 11.17
C MET A 380 19.36 5.81 12.04
N SER A 381 18.97 6.49 13.11
CA SER A 381 19.91 6.96 14.12
C SER A 381 20.50 5.79 14.89
N ALA A 382 21.81 5.85 15.14
CA ALA A 382 22.47 4.96 16.06
C ALA A 382 21.68 4.91 17.37
N HIS A 383 21.30 6.09 17.87
CA HIS A 383 20.55 6.23 19.14
C HIS A 383 19.27 5.39 19.19
N ARG A 384 18.45 5.44 18.15
CA ARG A 384 17.20 4.67 18.10
C ARG A 384 17.44 3.18 17.90
N LEU A 385 18.43 2.85 17.08
CA LEU A 385 18.95 1.48 16.97
C LEU A 385 19.17 0.86 18.37
N SER A 386 19.87 1.60 19.24
CA SER A 386 20.07 1.23 20.64
C SER A 386 18.76 0.96 21.39
N GLN A 387 17.76 1.81 21.14
CA GLN A 387 16.45 1.72 21.84
C GLN A 387 15.60 0.49 21.48
N GLU A 388 15.35 0.27 20.20
CA GLU A 388 14.53 -0.88 19.75
C GLU A 388 15.23 -2.24 19.93
N LEU A 389 16.55 -2.29 19.71
CA LEU A 389 17.37 -3.43 20.17
C LEU A 389 17.43 -3.54 21.71
N ALA A 390 17.36 -2.39 22.38
CA ALA A 390 17.41 -2.27 23.85
C ALA A 390 18.81 -2.59 24.39
N ILE A 391 19.82 -1.97 23.76
CA ILE A 391 21.24 -2.18 24.07
C ILE A 391 21.98 -0.83 24.19
N PRO A 392 23.27 -0.85 24.56
CA PRO A 392 24.05 0.40 24.54
C PRO A 392 24.24 1.04 23.15
N TYR A 393 24.57 2.34 23.17
CA TYR A 393 24.93 3.11 21.96
C TYR A 393 26.20 2.57 21.29
N GLU A 394 27.13 2.04 22.10
CA GLU A 394 28.42 1.52 21.61
C GLU A 394 28.27 0.27 20.74
N GLU A 395 27.24 -0.53 21.03
CA GLU A 395 26.89 -1.73 20.25
C GLU A 395 26.00 -1.40 19.05
N ALA A 396 25.09 -0.43 19.22
CA ALA A 396 24.23 0.05 18.13
C ALA A 396 24.99 0.82 17.02
N GLN A 397 26.00 1.61 17.39
CA GLN A 397 26.79 2.37 16.40
C GLN A 397 27.65 1.41 15.55
N ALA A 398 28.29 0.44 16.22
CA ALA A 398 29.20 -0.51 15.57
C ALA A 398 28.49 -1.50 14.64
N PHE A 399 27.19 -1.66 14.80
CA PHE A 399 26.40 -2.41 13.82
C PHE A 399 26.33 -1.67 12.46
N ILE A 400 26.26 -0.33 12.47
CA ILE A 400 26.27 0.50 11.22
C ILE A 400 27.73 0.77 10.72
N GLU A 401 28.63 0.00 11.31
CA GLU A 401 30.01 -0.04 10.87
C GLU A 401 30.20 -1.45 10.23
N ARG A 402 29.28 -2.38 10.55
CA ARG A 402 29.29 -3.73 10.03
C ARG A 402 28.25 -3.95 8.92
N TYR A 403 27.04 -3.42 9.09
CA TYR A 403 25.94 -3.52 8.14
C TYR A 403 26.36 -2.85 6.83
N PHE A 404 27.25 -1.88 6.93
CA PHE A 404 27.82 -1.14 5.78
C PHE A 404 29.24 -1.57 5.38
N GLN A 405 30.09 -1.88 6.36
CA GLN A 405 31.54 -2.12 6.13
C GLN A 405 31.91 -3.00 4.94
N SER A 406 31.11 -4.05 4.73
CA SER A 406 31.32 -5.06 3.68
C SER A 406 30.97 -4.65 2.23
N PHE A 407 30.19 -3.57 2.06
CA PHE A 407 29.51 -3.26 0.81
C PHE A 407 29.87 -1.89 0.22
N PRO A 408 31.08 -1.73 -0.33
CA PRO A 408 31.48 -0.41 -0.88
C PRO A 408 30.47 0.25 -1.84
N LYS A 409 29.87 -0.53 -2.73
CA LYS A 409 29.06 0.05 -3.80
C LYS A 409 27.63 0.47 -3.45
N VAL A 410 27.13 0.10 -2.26
CA VAL A 410 25.88 0.65 -1.73
C VAL A 410 26.07 2.13 -1.44
N ARG A 411 27.14 2.45 -0.71
CA ARG A 411 27.49 3.83 -0.39
C ARG A 411 27.62 4.62 -1.67
N ALA A 412 28.47 4.17 -2.58
CA ALA A 412 28.63 4.84 -3.86
C ALA A 412 27.30 5.01 -4.62
N TRP A 413 26.39 4.05 -4.47
CA TRP A 413 25.07 4.13 -5.09
C TRP A 413 24.20 5.20 -4.44
N ILE A 414 24.14 5.22 -3.11
CA ILE A 414 23.40 6.27 -2.42
C ILE A 414 23.89 7.65 -2.88
N GLU A 415 25.21 7.88 -2.75
CA GLU A 415 25.87 9.14 -3.11
C GLU A 415 25.61 9.53 -4.56
N LYS A 416 25.75 8.58 -5.48
CA LYS A 416 25.43 8.83 -6.88
C LYS A 416 23.96 9.25 -7.04
N THR A 417 23.08 8.56 -6.33
CA THR A 417 21.64 8.83 -6.39
C THR A 417 21.35 10.23 -5.87
N LEU A 418 21.95 10.60 -4.73
CA LEU A 418 21.80 11.95 -4.19
C LEU A 418 22.37 13.04 -5.11
N GLU A 419 23.57 12.85 -5.65
CA GLU A 419 24.17 13.89 -6.48
C GLU A 419 23.35 14.11 -7.77
N GLU A 420 22.77 13.04 -8.35
CA GLU A 420 21.89 13.15 -9.51
C GLU A 420 20.55 13.80 -9.18
N GLY A 421 20.03 13.57 -7.97
CA GLY A 421 18.82 14.22 -7.52
C GLY A 421 18.99 15.72 -7.30
N ARG A 422 20.18 16.09 -6.83
CA ARG A 422 20.54 17.49 -6.68
C ARG A 422 20.66 18.17 -8.05
N ARG A 423 21.25 17.47 -9.00
CA ARG A 423 21.46 18.05 -10.32
C ARG A 423 20.14 18.11 -11.07
N ARG A 424 19.52 16.95 -11.32
CA ARG A 424 18.33 16.88 -12.16
C ARG A 424 17.05 17.37 -11.47
N GLY A 425 17.01 17.32 -10.13
CA GLY A 425 15.80 17.63 -9.35
C GLY A 425 14.87 16.44 -9.05
N TYR A 426 15.21 15.27 -9.58
CA TYR A 426 14.43 14.06 -9.34
C TYR A 426 15.34 12.85 -9.30
N VAL A 427 14.85 11.83 -8.61
CA VAL A 427 15.46 10.52 -8.58
C VAL A 427 14.57 9.57 -9.38
N GLU A 428 15.09 8.40 -9.76
CA GLU A 428 14.27 7.46 -10.52
C GLU A 428 14.47 5.99 -10.22
N THR A 429 13.45 5.19 -10.55
CA THR A 429 13.49 3.74 -10.39
C THR A 429 14.29 3.12 -11.55
N LEU A 430 14.45 1.80 -11.52
CA LEU A 430 15.06 1.07 -12.62
C LEU A 430 14.37 1.33 -13.97
N PHE A 431 13.05 1.50 -13.95
CA PHE A 431 12.30 1.74 -15.17
C PHE A 431 12.13 3.22 -15.54
N GLY A 432 12.63 4.13 -14.70
CA GLY A 432 12.52 5.55 -14.95
C GLY A 432 11.28 6.23 -14.41
N ARG A 433 10.66 5.68 -13.37
CA ARG A 433 9.60 6.36 -12.67
C ARG A 433 10.32 7.43 -11.87
N ARG A 434 9.82 8.67 -11.91
CA ARG A 434 10.46 9.80 -11.24
C ARG A 434 9.72 10.20 -10.01
N ARG A 435 10.47 10.66 -9.02
CA ARG A 435 9.96 11.44 -7.93
C ARG A 435 10.83 12.68 -7.85
N TYR A 436 10.20 13.85 -7.87
CA TYR A 436 10.88 15.13 -7.68
C TYR A 436 11.10 15.39 -6.20
N VAL A 437 12.37 15.45 -5.79
CA VAL A 437 12.73 15.74 -4.40
C VAL A 437 13.45 17.09 -4.33
N PRO A 438 12.68 18.19 -4.20
CA PRO A 438 13.29 19.54 -4.28
C PRO A 438 14.20 19.94 -3.12
N ASP A 439 13.99 19.39 -1.93
CA ASP A 439 14.70 19.86 -0.72
C ASP A 439 16.14 19.33 -0.49
N LEU A 440 16.73 18.68 -1.49
CA LEU A 440 18.10 18.15 -1.37
C LEU A 440 19.22 19.19 -1.28
N GLU A 441 18.96 20.43 -1.71
CA GLU A 441 19.90 21.54 -1.48
C GLU A 441 19.35 22.58 -0.50
N ALA A 442 18.43 22.14 0.35
CA ALA A 442 17.94 22.94 1.48
C ALA A 442 19.09 23.25 2.40
N ARG A 443 18.92 24.36 3.11
CA ARG A 443 19.98 25.00 3.88
C ARG A 443 19.90 24.58 5.36
N VAL A 444 18.83 23.90 5.74
CA VAL A 444 18.62 23.41 7.11
C VAL A 444 18.90 21.91 7.09
N LYS A 445 19.86 21.46 7.91
CA LYS A 445 20.36 20.09 7.84
C LYS A 445 19.27 19.05 7.99
N SER A 446 18.46 19.18 9.02
CA SER A 446 17.41 18.21 9.29
C SER A 446 16.41 18.07 8.14
N VAL A 447 16.12 19.15 7.41
CA VAL A 447 15.21 19.12 6.25
C VAL A 447 15.91 18.48 5.07
N ARG A 448 17.15 18.90 4.85
CA ARG A 448 17.99 18.34 3.79
C ARG A 448 18.17 16.82 3.95
N GLU A 449 18.40 16.39 5.18
CA GLU A 449 18.66 15.00 5.48
C GLU A 449 17.41 14.13 5.39
N ALA A 450 16.25 14.66 5.80
CA ALA A 450 14.97 13.95 5.60
C ALA A 450 14.71 13.73 4.10
N ALA A 451 14.93 14.80 3.32
CA ALA A 451 14.78 14.76 1.86
C ALA A 451 15.69 13.71 1.22
N GLU A 452 16.92 13.58 1.72
CA GLU A 452 17.87 12.59 1.23
C GLU A 452 17.38 11.17 1.46
N ARG A 453 16.91 10.89 2.67
CA ARG A 453 16.37 9.59 3.02
C ARG A 453 15.19 9.21 2.12
N MET A 454 14.26 10.14 1.91
CA MET A 454 13.18 10.00 0.93
C MET A 454 13.72 9.73 -0.47
N ALA A 455 14.77 10.45 -0.84
CA ALA A 455 15.30 10.42 -2.19
C ALA A 455 15.98 9.10 -2.54
N PHE A 456 16.80 8.56 -1.65
CA PHE A 456 17.44 7.28 -1.94
C PHE A 456 16.60 6.04 -1.62
N ASN A 457 15.52 6.19 -0.83
CA ASN A 457 14.53 5.13 -0.64
C ASN A 457 13.73 4.87 -1.91
N MET A 458 13.42 5.92 -2.66
CA MET A 458 12.45 5.84 -3.75
C MET A 458 12.86 4.94 -4.90
N PRO A 459 14.11 5.03 -5.38
CA PRO A 459 14.50 4.07 -6.42
C PRO A 459 14.33 2.63 -5.97
N VAL A 460 14.52 2.37 -4.69
CA VAL A 460 14.44 1.04 -4.14
C VAL A 460 12.99 0.58 -3.99
N GLN A 461 12.18 1.38 -3.31
CA GLN A 461 10.80 1.05 -3.02
C GLN A 461 9.98 1.12 -4.31
N GLY A 462 10.36 2.04 -5.18
CA GLY A 462 9.65 2.26 -6.43
C GLY A 462 9.91 1.18 -7.45
N THR A 463 11.15 0.68 -7.47
CA THR A 463 11.52 -0.41 -8.38
C THR A 463 10.79 -1.69 -7.99
N ALA A 464 10.78 -1.99 -6.69
CA ALA A 464 9.99 -3.11 -6.16
C ALA A 464 8.49 -3.00 -6.51
N ALA A 465 7.96 -1.79 -6.50
CA ALA A 465 6.58 -1.54 -6.87
C ALA A 465 6.35 -1.74 -8.36
N ASP A 466 7.31 -1.26 -9.17
CA ASP A 466 7.25 -1.46 -10.62
C ASP A 466 7.21 -2.96 -10.96
N LEU A 467 8.06 -3.74 -10.28
CA LEU A 467 8.18 -5.18 -10.52
C LEU A 467 6.91 -5.91 -10.17
N MET A 468 6.35 -5.63 -9.01
CA MET A 468 5.08 -6.19 -8.59
C MET A 468 3.94 -5.83 -9.54
N LYS A 469 3.89 -4.58 -9.99
CA LYS A 469 2.84 -4.14 -10.90
C LYS A 469 2.96 -4.85 -12.25
N LEU A 470 4.18 -4.93 -12.77
CA LEU A 470 4.41 -5.65 -14.02
C LEU A 470 3.99 -7.13 -13.88
N ALA A 471 4.32 -7.72 -12.72
CA ALA A 471 4.00 -9.12 -12.42
C ALA A 471 2.48 -9.30 -12.39
N MET A 472 1.78 -8.33 -11.82
CA MET A 472 0.31 -8.33 -11.85
C MET A 472 -0.26 -8.22 -13.25
N VAL A 473 0.35 -7.39 -14.09
CA VAL A 473 -0.10 -7.21 -15.47
C VAL A 473 0.00 -8.51 -16.30
N LYS A 474 1.13 -9.21 -16.16
CA LYS A 474 1.37 -10.46 -16.87
C LYS A 474 0.59 -11.63 -16.30
N LEU A 475 0.42 -11.67 -14.98
CA LEU A 475 -0.29 -12.76 -14.32
C LEU A 475 -1.79 -12.75 -14.60
N PHE A 476 -2.39 -11.57 -14.72
CA PHE A 476 -3.83 -11.46 -14.76
C PHE A 476 -4.50 -12.27 -15.89
N PRO A 477 -4.04 -12.09 -17.15
CA PRO A 477 -4.65 -12.91 -18.22
C PRO A 477 -4.48 -14.42 -18.03
N ARG A 478 -3.41 -14.84 -17.37
CA ARG A 478 -3.18 -16.26 -17.11
C ARG A 478 -4.17 -16.82 -16.08
N LEU A 479 -4.58 -16.02 -15.09
CA LEU A 479 -5.55 -16.48 -14.10
C LEU A 479 -6.96 -16.56 -14.67
N GLU A 480 -7.39 -15.54 -15.41
CA GLU A 480 -8.68 -15.55 -16.17
C GLU A 480 -8.83 -16.82 -17.03
N GLU A 481 -7.77 -17.17 -17.74
CA GLU A 481 -7.65 -18.44 -18.47
C GLU A 481 -7.89 -19.69 -17.59
N MET A 482 -7.35 -19.70 -16.37
CA MET A 482 -7.51 -20.84 -15.44
C MET A 482 -8.77 -20.78 -14.56
N GLY A 483 -9.64 -19.79 -14.80
CA GLY A 483 -10.81 -19.54 -13.96
C GLY A 483 -10.49 -19.18 -12.51
N ALA A 484 -9.37 -18.49 -12.31
CA ALA A 484 -8.90 -18.02 -10.98
C ALA A 484 -9.03 -16.49 -10.88
N ARG A 485 -8.88 -15.95 -9.68
CA ARG A 485 -9.03 -14.50 -9.42
C ARG A 485 -7.82 -13.94 -8.67
N MET A 486 -7.52 -12.68 -8.94
CA MET A 486 -6.60 -11.89 -8.14
C MET A 486 -7.40 -11.06 -7.12
N LEU A 487 -7.14 -11.23 -5.83
CA LEU A 487 -7.95 -10.53 -4.81
C LEU A 487 -7.31 -9.24 -4.30
N LEU A 488 -6.08 -9.36 -3.82
CA LEU A 488 -5.43 -8.27 -3.11
C LEU A 488 -3.98 -8.17 -3.48
N GLN A 489 -3.42 -6.99 -3.31
CA GLN A 489 -2.00 -6.74 -3.43
C GLN A 489 -1.64 -6.04 -2.12
N VAL A 490 -0.53 -6.40 -1.52
CA VAL A 490 -0.04 -5.81 -0.30
C VAL A 490 1.46 -5.49 -0.46
N HIS A 491 1.75 -4.66 -1.46
CA HIS A 491 3.07 -4.16 -1.78
C HIS A 491 4.01 -5.18 -2.37
N ASP A 492 4.42 -6.17 -1.62
CA ASP A 492 5.26 -7.23 -2.07
C ASP A 492 4.57 -8.59 -2.04
N GLU A 493 3.28 -8.61 -1.79
CA GLU A 493 2.54 -9.86 -1.87
C GLU A 493 1.25 -9.74 -2.70
N LEU A 494 0.81 -10.90 -3.17
CA LEU A 494 -0.48 -11.05 -3.83
C LEU A 494 -1.28 -12.14 -3.13
N VAL A 495 -2.60 -11.95 -3.11
CA VAL A 495 -3.53 -12.98 -2.68
C VAL A 495 -4.50 -13.23 -3.82
N LEU A 496 -4.59 -14.50 -4.21
CA LEU A 496 -5.46 -14.98 -5.28
C LEU A 496 -6.50 -15.91 -4.67
N GLU A 497 -7.54 -16.18 -5.45
CA GLU A 497 -8.55 -17.16 -5.14
C GLU A 497 -8.60 -18.12 -6.32
N ALA A 498 -8.43 -19.41 -6.07
CA ALA A 498 -8.46 -20.42 -7.10
C ALA A 498 -9.50 -21.51 -6.73
N PRO A 499 -10.24 -22.04 -7.72
CA PRO A 499 -11.04 -23.24 -7.44
C PRO A 499 -10.17 -24.35 -6.85
N LYS A 500 -10.69 -25.09 -5.87
CA LYS A 500 -9.88 -26.08 -5.13
C LYS A 500 -9.08 -26.99 -6.03
N GLU A 501 -9.69 -27.39 -7.14
CA GLU A 501 -9.12 -28.34 -8.07
C GLU A 501 -7.99 -27.78 -8.92
N ARG A 502 -7.92 -26.45 -9.05
CA ARG A 502 -6.87 -25.81 -9.82
C ARG A 502 -5.88 -24.99 -8.98
N ALA A 503 -6.05 -24.97 -7.66
CA ALA A 503 -5.22 -24.21 -6.75
C ALA A 503 -3.72 -24.46 -6.88
N GLU A 504 -3.32 -25.72 -6.79
CA GLU A 504 -1.90 -26.03 -6.80
C GLU A 504 -1.24 -25.62 -8.14
N ALA A 505 -1.93 -25.87 -9.25
CA ALA A 505 -1.50 -25.37 -10.56
C ALA A 505 -1.40 -23.84 -10.60
N VAL A 506 -2.42 -23.17 -10.08
CA VAL A 506 -2.39 -21.71 -10.00
C VAL A 506 -1.19 -21.24 -9.17
N ALA A 507 -0.95 -21.89 -8.03
CA ALA A 507 0.13 -21.52 -7.14
C ALA A 507 1.46 -21.59 -7.85
N ARG A 508 1.69 -22.71 -8.54
CA ARG A 508 2.91 -22.91 -9.31
C ARG A 508 3.07 -21.91 -10.45
N LEU A 509 2.02 -21.68 -11.22
CA LEU A 509 2.12 -20.70 -12.31
C LEU A 509 2.41 -19.29 -11.77
N ALA A 510 1.61 -18.84 -10.80
CA ALA A 510 1.77 -17.51 -10.22
C ALA A 510 3.18 -17.28 -9.71
N LYS A 511 3.69 -18.22 -8.94
CA LYS A 511 5.07 -18.17 -8.42
C LYS A 511 6.08 -17.94 -9.53
N GLU A 512 6.00 -18.76 -10.58
CA GLU A 512 6.95 -18.69 -11.69
C GLU A 512 6.83 -17.36 -12.43
N VAL A 513 5.61 -16.85 -12.58
CA VAL A 513 5.41 -15.57 -13.27
C VAL A 513 6.05 -14.44 -12.43
N MET A 514 5.88 -14.51 -11.11
CA MET A 514 6.42 -13.47 -10.22
C MET A 514 7.93 -13.50 -10.08
N GLU A 515 8.53 -14.70 -10.05
CA GLU A 515 9.99 -14.86 -9.98
C GLU A 515 10.72 -14.39 -11.23
N GLY A 516 10.12 -14.60 -12.41
CA GLY A 516 10.69 -14.18 -13.68
C GLY A 516 10.02 -12.99 -14.34
N VAL A 517 9.43 -12.09 -13.57
CA VAL A 517 8.81 -10.89 -14.12
C VAL A 517 9.79 -10.04 -14.97
N TYR A 518 10.99 -9.82 -14.45
CA TYR A 518 11.97 -8.93 -15.07
C TYR A 518 13.27 -9.32 -14.42
N PRO A 519 14.03 -10.25 -15.02
CA PRO A 519 15.23 -10.74 -14.37
C PRO A 519 16.27 -9.66 -13.99
N LEU A 520 16.87 -9.84 -12.81
CA LEU A 520 17.92 -8.97 -12.29
C LEU A 520 19.19 -9.79 -12.10
N ALA A 521 20.32 -9.09 -11.98
CA ALA A 521 21.59 -9.64 -11.46
C ALA A 521 21.49 -10.62 -10.30
N VAL A 522 20.46 -10.49 -9.45
CA VAL A 522 20.11 -11.50 -8.45
C VAL A 522 18.75 -12.14 -8.76
N PRO A 523 18.52 -13.38 -8.29
CA PRO A 523 17.20 -14.00 -8.46
C PRO A 523 16.14 -13.41 -7.53
N LEU A 524 14.88 -13.44 -7.96
CA LEU A 524 13.75 -13.12 -7.10
C LEU A 524 13.16 -14.44 -6.60
N GLU A 525 13.02 -14.54 -5.28
CA GLU A 525 12.37 -15.68 -4.62
C GLU A 525 10.97 -15.28 -4.15
N VAL A 526 10.00 -16.14 -4.40
CA VAL A 526 8.64 -16.01 -3.91
C VAL A 526 8.30 -17.23 -3.02
N GLU A 527 7.83 -16.96 -1.80
CA GLU A 527 7.25 -17.97 -0.92
C GLU A 527 5.77 -18.05 -1.29
N VAL A 528 5.24 -19.27 -1.45
CA VAL A 528 3.81 -19.46 -1.76
C VAL A 528 3.14 -20.43 -0.79
N GLY A 529 1.91 -20.14 -0.43
CA GLY A 529 1.09 -21.05 0.35
C GLY A 529 -0.35 -21.00 -0.08
N ILE A 530 -1.07 -22.07 0.25
CA ILE A 530 -2.47 -22.28 -0.15
C ILE A 530 -3.31 -22.54 1.12
N GLY A 531 -4.47 -21.90 1.23
CA GLY A 531 -5.31 -22.15 2.40
C GLY A 531 -6.74 -21.66 2.36
N GLU A 532 -7.54 -22.15 3.31
CA GLU A 532 -8.93 -21.70 3.48
C GLU A 532 -9.05 -20.24 3.94
N ASP A 533 -8.01 -19.74 4.62
CA ASP A 533 -7.97 -18.36 5.06
C ASP A 533 -6.62 -17.70 4.81
N TRP A 534 -6.60 -16.39 4.97
CA TRP A 534 -5.41 -15.58 4.66
C TRP A 534 -4.24 -15.93 5.58
N LEU A 535 -4.51 -16.18 6.85
CA LEU A 535 -3.44 -16.56 7.77
C LEU A 535 -2.82 -17.91 7.41
N SER A 536 -3.65 -18.94 7.27
CA SER A 536 -3.16 -20.29 7.07
C SER A 536 -2.58 -20.48 5.67
N ALA A 537 -3.02 -19.69 4.70
CA ALA A 537 -2.39 -19.66 3.39
C ALA A 537 -0.92 -19.17 3.36
N LYS A 538 -0.38 -18.68 4.47
CA LYS A 538 1.05 -18.35 4.58
C LYS A 538 1.81 -19.22 5.61
N GLU A 539 1.30 -20.40 5.96
CA GLU A 539 1.84 -21.16 7.11
C GLU A 539 1.41 -22.62 7.12
N1 DOC B 13 5.10 -2.70 4.91
C2 DOC B 13 5.80 -1.49 4.82
N3 DOC B 13 6.25 -0.85 5.95
C4 DOC B 13 6.02 -1.40 7.17
C5 DOC B 13 5.34 -2.61 7.28
C6 DOC B 13 4.91 -3.24 6.12
O2 DOC B 13 5.98 -0.99 3.69
N4 DOC B 13 6.46 -0.77 8.27
C1' DOC B 13 4.64 -3.31 3.64
C2' DOC B 13 5.70 -4.24 3.11
C3' DOC B 13 5.18 -5.63 3.45
C4' DOC B 13 3.69 -5.43 3.51
O4' DOC B 13 3.45 -4.06 3.83
C5' DOC B 13 2.99 -6.39 4.48
O5' DOC B 13 3.65 -6.40 5.74
P DOC B 13 2.96 -7.16 6.97
OP1 DOC B 13 2.38 -8.51 6.63
OP2 DOC B 13 3.85 -6.87 8.10
P 92F C 4 15.35 8.24 13.17
OP1 92F C 4 14.03 8.22 13.92
OP2 92F C 4 16.52 7.94 14.08
O5' 92F C 4 15.34 7.25 11.90
C5' 92F C 4 14.15 7.05 11.13
C4' 92F C 4 14.54 6.45 9.78
O4' 92F C 4 14.86 5.06 9.87
C3' 92F C 4 13.43 6.55 8.74
C2' 92F C 4 13.64 5.35 7.86
C1' 92F C 4 14.30 4.33 8.77
N1 92F C 4 13.26 3.37 9.18
C6 92F C 4 12.70 3.45 10.42
C2 92F C 4 12.87 2.34 8.27
O2 92F C 4 13.40 2.29 7.13
N3 92F C 4 11.93 1.42 8.62
C4 92F C 4 11.35 1.45 9.83
C5 92F C 4 11.75 2.52 10.79
C20 92F C 4 11.17 2.59 12.05
N23 92F C 4 10.40 0.54 10.20
C22 92F C 4 9.82 0.58 11.44
N26 92F C 4 8.87 -0.35 11.77
C21 92F C 4 10.21 1.65 12.42
C24 92F C 4 9.67 1.71 13.59
N25 92F C 4 9.22 1.66 14.66
O3' 92F C 4 13.59 7.71 7.92
PG DTP D . 10.18 -11.58 3.41
O1G DTP D . 11.24 -12.60 2.99
O2G DTP D . 9.56 -12.01 4.73
O3G DTP D . 9.10 -11.43 2.36
PB DTP D . 10.61 -8.78 2.84
O1B DTP D . 10.02 -8.93 1.43
O2B DTP D . 11.86 -7.94 2.71
O3B DTP D . 10.99 -10.18 3.57
PA DTP D . 8.08 -7.79 3.62
O1A DTP D . 7.46 -8.95 2.85
O2A DTP D . 7.37 -7.77 4.96
O3A DTP D . 9.65 -8.00 3.88
O5' DTP D . 7.92 -6.37 2.89
C5' DTP D . 8.18 -6.05 1.52
C4' DTP D . 9.07 -4.82 1.40
O4' DTP D . 8.47 -3.71 2.07
C3' DTP D . 10.45 -5.04 2.01
O3' DTP D . 11.41 -5.55 1.05
C2' DTP D . 10.77 -3.67 2.58
C1' DTP D . 9.42 -2.98 2.84
N9 DTP D . 9.27 -3.00 4.33
C8 DTP D . 8.77 -3.92 5.19
N7 DTP D . 8.86 -3.54 6.48
C5 DTP D . 9.45 -2.36 6.46
C6 DTP D . 9.87 -1.42 7.48
N6 DTP D . 9.65 -1.70 8.77
N1 DTP D . 10.45 -0.30 7.08
C2 DTP D . 10.69 0.02 5.81
N3 DTP D . 10.34 -0.81 4.81
C4 DTP D . 9.73 -1.99 5.07
MG MG E . 5.09 -9.29 2.59
MG MG F . -0.88 12.39 9.79
#